data_9DKP
#
_entry.id   9DKP
#
_cell.length_a   113.506
_cell.length_b   113.506
_cell.length_c   145.235
_cell.angle_alpha   90.000
_cell.angle_beta   90.000
_cell.angle_gamma   90.000
#
_symmetry.space_group_name_H-M   'P 41 21 2'
#
loop_
_entity.id
_entity.type
_entity.pdbx_description
1 polymer 'Phosphatidylinositol 3-kinase catalytic subunit type 3'
2 non-polymer (8R)-3-(1,3-benzothiazol-2-yl)pyrazolo[1,5-a]pyrimidine
3 non-polymer 2-ETHOXYETHANOL
4 non-polymer 'diethyl ether'
5 non-polymer 'DIMETHYL SULFOXIDE'
6 non-polymer 'POTASSIUM ION'
7 non-polymer 'CHLORIDE ION'
8 water water
#
_entity_poly.entity_id   1
_entity_poly.type   'polypeptide(L)'
_entity_poly.pdbx_seq_one_letter_code
;MGHHHHHHHHHHAATRDQLNIIVSYPPTKQLTYEEQDLVWKFRYYLTNQEKALTKFLKCVNWDLPQEAKQALELLGKWKP
MDVEDSLELLSSHYTNPTVRRYAVARLRQADDEDLLMYLLQLVQALKYENFDDIKNGLEPTKKDSQSSVSENVSNSGINS
AEIDSSQIITSPLPSVSSPPPASKTKEVPDGENLEQDLCTFLISRACKNSTLANYLYWYVIVECEDQDTQQRDPKTHEMY
LNVMRRFSQALLKGDKSVRVMRSLLAAQQTFVDRLVHLMKAVQRESGNRKKKNERLQALLGDNEKMNLSDVELIPLPLEP
QVKIRGIIPETATLFKSALMPAQLFFKTEDGGKYPVIFKHGDDLRQDQLILQIISLMDKLLRKENLDLKLTPYKVLATST
KHGFMQFIQSVPVAEVLDTEGSIQNFFRKYAPSENGPNGISAEVMDTYVKSCAGYCVITYILGVGDRHLDNLLLTKTGKL
FHIDFGYILGRDPKPLPPPMKLNKEMVEGMGGTQSEQYQEFRKQCYTAFLHLRRYSNLILNLFSLMVDANIPDIALEPDK
TVKKVQDKFRLDLSDEEAVHYMQSLIDESVHALF
;
_entity_poly.pdbx_strand_id   B
#
# COMPACT_ATOMS: atom_id res chain seq x y z
N ALA A 14 -25.10 -3.50 31.58
CA ALA A 14 -25.16 -4.94 31.37
C ALA A 14 -25.33 -5.24 29.89
N THR A 15 -26.57 -5.49 29.47
CA THR A 15 -26.87 -5.73 28.03
C THR A 15 -26.28 -4.60 27.16
N ARG A 16 -26.56 -3.35 27.51
CA ARG A 16 -26.05 -2.19 26.74
C ARG A 16 -24.53 -2.32 26.71
N ASP A 17 -23.94 -2.69 27.86
CA ASP A 17 -22.50 -2.90 27.88
C ASP A 17 -22.09 -3.90 26.81
N GLN A 18 -22.79 -5.04 26.74
CA GLN A 18 -22.48 -6.05 25.74
C GLN A 18 -22.65 -5.52 24.34
N LEU A 19 -23.68 -4.69 24.12
CA LEU A 19 -23.87 -4.09 22.80
C LEU A 19 -22.71 -3.18 22.43
N ASN A 20 -22.27 -2.34 23.37
CA ASN A 20 -21.12 -1.47 23.11
C ASN A 20 -19.90 -2.28 22.68
N ILE A 21 -19.67 -3.41 23.36
CA ILE A 21 -18.55 -4.27 22.98
C ILE A 21 -18.72 -4.77 21.55
N ILE A 22 -19.94 -5.16 21.18
N ILE A 22 -19.95 -5.15 21.18
CA ILE A 22 -20.19 -5.67 19.83
CA ILE A 22 -20.19 -5.67 19.83
C ILE A 22 -19.85 -4.61 18.79
C ILE A 22 -19.85 -4.61 18.79
N VAL A 23 -20.37 -3.40 18.96
CA VAL A 23 -20.09 -2.33 18.01
C VAL A 23 -18.61 -1.97 18.01
N SER A 24 -17.94 -2.15 19.14
CA SER A 24 -16.50 -1.88 19.21
C SER A 24 -15.67 -2.94 18.49
N TYR A 25 -16.26 -4.07 18.11
CA TYR A 25 -15.50 -5.13 17.46
C TYR A 25 -14.85 -4.62 16.18
N PRO A 26 -13.63 -5.03 15.89
CA PRO A 26 -13.03 -4.74 14.58
C PRO A 26 -13.99 -5.09 13.47
N PRO A 27 -13.91 -4.42 12.33
CA PRO A 27 -14.87 -4.70 11.24
C PRO A 27 -14.81 -6.13 10.74
N THR A 28 -13.71 -6.84 10.98
CA THR A 28 -13.54 -8.19 10.47
C THR A 28 -13.84 -9.27 11.50
N LYS A 29 -14.15 -8.90 12.73
CA LYS A 29 -14.48 -9.91 13.73
C LYS A 29 -15.86 -10.51 13.46
N GLN A 30 -15.97 -11.82 13.64
CA GLN A 30 -17.22 -12.54 13.40
C GLN A 30 -18.09 -12.50 14.65
N LEU A 31 -19.34 -12.08 14.49
CA LEU A 31 -20.27 -12.07 15.60
C LEU A 31 -20.89 -13.44 15.79
N THR A 32 -21.00 -13.86 17.04
N THR A 32 -21.02 -13.86 17.05
CA THR A 32 -21.68 -15.12 17.36
CA THR A 32 -21.67 -15.12 17.34
C THR A 32 -23.16 -15.02 17.01
C THR A 32 -23.17 -15.01 17.09
N TYR A 33 -23.83 -16.17 17.00
CA TYR A 33 -25.27 -16.18 16.78
C TYR A 33 -25.98 -15.39 17.87
N GLU A 34 -25.55 -15.55 19.12
CA GLU A 34 -26.14 -14.77 20.20
C GLU A 34 -25.89 -13.28 20.00
N GLU A 35 -24.68 -12.90 19.60
CA GLU A 35 -24.38 -11.49 19.38
C GLU A 35 -25.21 -10.92 18.25
N GLN A 36 -25.39 -11.72 17.19
CA GLN A 36 -26.15 -11.24 16.01
C GLN A 36 -27.61 -11.02 16.40
N ASP A 37 -28.25 -12.03 16.97
CA ASP A 37 -29.68 -11.93 17.36
C ASP A 37 -29.87 -10.77 18.33
N LEU A 38 -28.90 -10.56 19.23
CA LEU A 38 -28.93 -9.41 20.13
C LEU A 38 -28.98 -8.10 19.35
N VAL A 39 -28.13 -7.96 18.33
CA VAL A 39 -28.06 -6.68 17.58
C VAL A 39 -29.40 -6.50 16.86
N TRP A 40 -29.91 -7.59 16.29
CA TRP A 40 -31.18 -7.52 15.59
C TRP A 40 -32.28 -7.08 16.54
N LYS A 41 -32.09 -7.32 17.82
CA LYS A 41 -33.17 -6.97 18.79
C LYS A 41 -33.16 -5.46 19.03
N PHE A 42 -32.00 -4.86 19.27
CA PHE A 42 -31.90 -3.42 19.52
C PHE A 42 -31.62 -2.63 18.25
N ARG A 43 -32.16 -3.04 17.10
CA ARG A 43 -31.92 -2.32 15.86
C ARG A 43 -32.26 -0.85 16.01
N TYR A 44 -33.53 -0.55 16.30
CA TYR A 44 -33.97 0.84 16.35
C TYR A 44 -33.27 1.65 17.44
N TYR A 45 -32.70 0.98 18.44
CA TYR A 45 -32.01 1.69 19.51
C TYR A 45 -30.60 2.12 19.12
N LEU A 46 -30.13 1.77 17.93
CA LEU A 46 -28.76 2.07 17.51
C LEU A 46 -28.71 2.88 16.22
N THR A 47 -29.85 3.34 15.70
CA THR A 47 -29.88 4.01 14.41
C THR A 47 -29.06 5.30 14.40
N ASN A 48 -28.81 5.89 15.57
CA ASN A 48 -28.04 7.12 15.66
C ASN A 48 -26.57 6.87 15.95
N GLN A 49 -26.12 5.62 15.90
CA GLN A 49 -24.73 5.25 16.13
C GLN A 49 -24.14 4.77 14.80
N GLU A 50 -23.43 5.67 14.11
CA GLU A 50 -22.89 5.35 12.80
C GLU A 50 -22.00 4.11 12.85
N LYS A 51 -21.22 3.96 13.92
CA LYS A 51 -20.29 2.83 14.03
C LYS A 51 -21.00 1.50 14.19
N ALA A 52 -22.30 1.51 14.49
CA ALA A 52 -23.05 0.26 14.65
C ALA A 52 -23.77 -0.18 13.39
N LEU A 53 -23.78 0.65 12.34
CA LEU A 53 -24.49 0.29 11.12
C LEU A 53 -23.94 -1.00 10.52
N THR A 54 -22.61 -1.09 10.41
N THR A 54 -22.62 -1.11 10.42
CA THR A 54 -22.01 -2.29 9.81
CA THR A 54 -22.02 -2.28 9.81
C THR A 54 -22.37 -3.54 10.60
C THR A 54 -22.35 -3.55 10.61
N LYS A 55 -22.39 -3.44 11.93
CA LYS A 55 -22.70 -4.61 12.75
C LYS A 55 -24.14 -5.07 12.52
N PHE A 56 -25.07 -4.13 12.35
CA PHE A 56 -26.44 -4.51 12.04
C PHE A 56 -26.52 -5.19 10.68
N LEU A 57 -25.87 -4.59 9.67
CA LEU A 57 -25.89 -5.16 8.33
C LEU A 57 -25.37 -6.59 8.33
N LYS A 58 -24.33 -6.86 9.12
CA LYS A 58 -23.76 -8.21 9.19
C LYS A 58 -24.77 -9.21 9.74
N CYS A 59 -25.73 -8.75 10.53
CA CYS A 59 -26.68 -9.62 11.20
C CYS A 59 -27.99 -9.75 10.44
N VAL A 60 -28.02 -9.37 9.16
CA VAL A 60 -29.25 -9.48 8.34
C VAL A 60 -29.16 -10.67 7.40
N ASN A 61 -30.26 -11.40 7.25
CA ASN A 61 -30.31 -12.53 6.31
C ASN A 61 -30.77 -11.95 4.97
N TRP A 62 -29.82 -11.61 4.12
CA TRP A 62 -30.13 -10.98 2.85
C TRP A 62 -30.74 -11.94 1.85
N ASP A 63 -30.78 -13.24 2.16
CA ASP A 63 -31.47 -14.19 1.29
C ASP A 63 -32.98 -14.17 1.50
N LEU A 64 -33.48 -13.57 2.58
CA LEU A 64 -34.90 -13.50 2.85
C LEU A 64 -35.44 -12.17 2.35
N PRO A 65 -36.31 -12.16 1.33
CA PRO A 65 -36.84 -10.88 0.82
C PRO A 65 -37.37 -9.97 1.92
N GLN A 66 -38.24 -10.48 2.79
CA GLN A 66 -38.85 -9.65 3.84
C GLN A 66 -37.78 -9.06 4.75
N GLU A 67 -36.85 -9.89 5.22
CA GLU A 67 -35.82 -9.41 6.12
C GLU A 67 -35.01 -8.28 5.49
N ALA A 68 -34.56 -8.48 4.25
CA ALA A 68 -33.77 -7.44 3.58
C ALA A 68 -34.56 -6.15 3.45
N LYS A 69 -35.86 -6.26 3.17
CA LYS A 69 -36.68 -5.06 3.04
C LYS A 69 -36.60 -4.20 4.29
N GLN A 70 -36.88 -4.79 5.45
CA GLN A 70 -36.83 -4.02 6.69
C GLN A 70 -35.42 -3.49 6.94
N ALA A 71 -34.40 -4.30 6.64
CA ALA A 71 -33.03 -3.87 6.85
C ALA A 71 -32.70 -2.64 6.02
N LEU A 72 -33.04 -2.66 4.73
CA LEU A 72 -32.80 -1.51 3.88
C LEU A 72 -33.51 -0.27 4.41
N GLU A 73 -34.71 -0.44 4.98
CA GLU A 73 -35.40 0.68 5.58
C GLU A 73 -34.58 1.31 6.69
N LEU A 74 -34.07 0.49 7.61
CA LEU A 74 -33.25 1.01 8.70
C LEU A 74 -31.99 1.67 8.17
N LEU A 75 -31.46 1.18 7.04
CA LEU A 75 -30.31 1.81 6.42
C LEU A 75 -30.58 3.29 6.12
N GLY A 76 -31.76 3.59 5.57
CA GLY A 76 -32.06 4.95 5.20
C GLY A 76 -32.22 5.89 6.39
N LYS A 77 -32.62 5.34 7.54
CA LYS A 77 -32.80 6.13 8.75
C LYS A 77 -31.57 6.11 9.64
N TRP A 78 -30.53 5.35 9.28
CA TRP A 78 -29.34 5.23 10.10
C TRP A 78 -28.41 6.41 9.86
N LYS A 79 -27.81 6.91 10.94
CA LYS A 79 -26.80 7.94 10.83
C LYS A 79 -25.72 7.49 9.84
N PRO A 80 -25.45 8.26 8.79
CA PRO A 80 -24.52 7.79 7.76
C PRO A 80 -23.19 7.33 8.35
N MET A 81 -22.67 6.22 7.83
CA MET A 81 -21.40 5.69 8.32
C MET A 81 -20.22 6.43 7.74
N ASP A 82 -19.10 6.41 8.46
CA ASP A 82 -17.90 7.05 7.96
C ASP A 82 -17.41 6.35 6.70
N VAL A 83 -16.68 7.09 5.87
CA VAL A 83 -16.11 6.50 4.66
C VAL A 83 -15.20 5.33 5.01
N GLU A 84 -14.41 5.47 6.07
CA GLU A 84 -13.49 4.40 6.45
C GLU A 84 -14.25 3.10 6.71
N ASP A 85 -15.45 3.19 7.28
CA ASP A 85 -16.23 2.00 7.56
C ASP A 85 -16.98 1.49 6.33
N SER A 86 -17.29 2.38 5.38
CA SER A 86 -17.98 1.95 4.17
C SER A 86 -17.15 0.95 3.36
N LEU A 87 -15.83 0.97 3.52
CA LEU A 87 -14.99 0.03 2.79
C LEU A 87 -15.40 -1.42 3.08
N GLU A 88 -15.81 -1.69 4.32
CA GLU A 88 -16.24 -3.02 4.68
C GLU A 88 -17.36 -3.53 3.78
N LEU A 89 -18.29 -2.67 3.42
CA LEU A 89 -19.44 -3.09 2.63
C LEU A 89 -19.07 -3.57 1.22
N LEU A 90 -17.93 -3.12 0.72
CA LEU A 90 -17.51 -3.51 -0.63
C LEU A 90 -16.81 -4.84 -0.64
N SER A 91 -16.70 -5.46 0.54
CA SER A 91 -16.06 -6.77 0.64
C SER A 91 -16.94 -7.86 0.06
N SER A 92 -16.39 -9.06 -0.09
CA SER A 92 -17.15 -10.19 -0.62
C SER A 92 -18.32 -10.53 0.28
N HIS A 93 -18.20 -10.21 1.57
CA HIS A 93 -19.26 -10.55 2.52
C HIS A 93 -20.60 -9.95 2.13
N TYR A 94 -20.58 -8.78 1.51
CA TYR A 94 -21.84 -8.11 1.17
C TYR A 94 -22.18 -8.29 -0.30
N THR A 95 -23.36 -8.86 -0.57
CA THR A 95 -23.84 -9.04 -1.94
C THR A 95 -25.11 -8.26 -2.24
N ASN A 96 -25.82 -7.78 -1.23
CA ASN A 96 -27.02 -6.98 -1.46
C ASN A 96 -26.67 -5.75 -2.28
N PRO A 97 -27.26 -5.57 -3.46
CA PRO A 97 -26.87 -4.41 -4.29
C PRO A 97 -27.07 -3.08 -3.60
N THR A 98 -28.15 -2.93 -2.82
CA THR A 98 -28.42 -1.67 -2.14
C THR A 98 -27.30 -1.33 -1.18
N VAL A 99 -26.87 -2.32 -0.39
CA VAL A 99 -25.78 -2.08 0.55
C VAL A 99 -24.53 -1.67 -0.19
N ARG A 100 -24.21 -2.39 -1.26
CA ARG A 100 -23.03 -2.05 -2.05
C ARG A 100 -23.19 -0.68 -2.65
N ARG A 101 -24.38 -0.36 -3.16
CA ARG A 101 -24.62 0.98 -3.68
C ARG A 101 -24.49 2.02 -2.57
N TYR A 102 -25.02 1.71 -1.39
CA TYR A 102 -24.87 2.61 -0.25
C TYR A 102 -23.40 2.87 0.05
N ALA A 103 -22.58 1.80 0.02
CA ALA A 103 -21.15 1.96 0.26
C ALA A 103 -20.52 2.92 -0.74
N VAL A 104 -20.91 2.81 -2.02
CA VAL A 104 -20.37 3.71 -3.03
C VAL A 104 -20.81 5.14 -2.76
N ALA A 105 -22.08 5.33 -2.39
CA ALA A 105 -22.56 6.67 -2.04
C ALA A 105 -21.76 7.28 -0.89
N ARG A 106 -21.39 6.45 0.10
CA ARG A 106 -20.58 6.95 1.20
C ARG A 106 -19.16 7.25 0.74
N LEU A 107 -18.60 6.41 -0.12
CA LEU A 107 -17.27 6.67 -0.66
C LEU A 107 -17.23 7.97 -1.45
N ARG A 108 -18.33 8.33 -2.10
CA ARG A 108 -18.40 9.57 -2.86
C ARG A 108 -18.12 10.79 -1.98
N GLN A 109 -18.36 10.68 -0.67
CA GLN A 109 -18.16 11.79 0.23
C GLN A 109 -16.69 12.06 0.53
N ALA A 110 -15.79 11.19 0.10
CA ALA A 110 -14.37 11.37 0.35
C ALA A 110 -13.72 12.16 -0.78
N ASP A 111 -12.72 12.97 -0.42
CA ASP A 111 -11.97 13.70 -1.43
C ASP A 111 -11.00 12.77 -2.14
N ASP A 112 -10.41 13.27 -3.22
CA ASP A 112 -9.61 12.40 -4.08
C ASP A 112 -8.30 11.98 -3.40
N GLU A 113 -7.80 12.77 -2.45
CA GLU A 113 -6.58 12.38 -1.76
C GLU A 113 -6.82 11.13 -0.91
N ASP A 114 -7.94 11.08 -0.19
CA ASP A 114 -8.29 9.88 0.55
C ASP A 114 -8.66 8.73 -0.38
N LEU A 115 -9.43 9.03 -1.42
CA LEU A 115 -9.81 7.99 -2.37
C LEU A 115 -8.58 7.32 -2.98
N LEU A 116 -7.58 8.12 -3.36
N LEU A 116 -7.58 8.12 -3.36
CA LEU A 116 -6.35 7.56 -3.91
CA LEU A 116 -6.36 7.54 -3.94
C LEU A 116 -5.70 6.59 -2.94
C LEU A 116 -5.67 6.61 -2.95
N MET A 117 -5.77 6.90 -1.64
CA MET A 117 -5.20 6.01 -0.62
CA MET A 117 -5.19 6.01 -0.63
C MET A 117 -5.85 4.64 -0.62
N TYR A 118 -7.07 4.51 -1.16
CA TYR A 118 -7.80 3.25 -1.15
C TYR A 118 -7.92 2.60 -2.53
N LEU A 119 -7.44 3.26 -3.58
CA LEU A 119 -7.74 2.80 -4.95
C LEU A 119 -7.27 1.38 -5.18
N LEU A 120 -6.06 1.05 -4.72
N LEU A 120 -6.06 1.05 -4.71
CA LEU A 120 -5.54 -0.31 -4.93
CA LEU A 120 -5.54 -0.29 -4.92
C LEU A 120 -6.53 -1.35 -4.44
C LEU A 120 -6.51 -1.36 -4.44
N GLN A 121 -7.04 -1.18 -3.22
CA GLN A 121 -8.01 -2.14 -2.68
C GLN A 121 -9.33 -2.08 -3.44
N LEU A 122 -9.76 -0.87 -3.82
CA LEU A 122 -11.05 -0.74 -4.51
C LEU A 122 -11.03 -1.44 -5.86
N VAL A 123 -9.87 -1.48 -6.52
CA VAL A 123 -9.78 -2.24 -7.78
C VAL A 123 -9.96 -3.73 -7.52
N GLN A 124 -9.46 -4.20 -6.38
CA GLN A 124 -9.66 -5.60 -6.04
C GLN A 124 -11.13 -5.85 -5.72
N ALA A 125 -11.75 -4.89 -5.04
CA ALA A 125 -13.16 -5.04 -4.67
C ALA A 125 -14.06 -5.20 -5.88
N LEU A 126 -13.59 -4.81 -7.08
CA LEU A 126 -14.37 -5.04 -8.28
C LEU A 126 -14.71 -6.52 -8.45
N LYS A 127 -13.86 -7.41 -7.95
CA LYS A 127 -14.18 -8.84 -8.00
C LYS A 127 -15.51 -9.16 -7.36
N TYR A 128 -15.98 -8.33 -6.43
CA TYR A 128 -17.20 -8.60 -5.67
C TYR A 128 -18.40 -7.85 -6.22
N GLU A 129 -18.27 -7.20 -7.37
CA GLU A 129 -19.34 -6.45 -7.99
C GLU A 129 -20.09 -7.32 -9.00
N ASN A 130 -21.15 -6.76 -9.58
CA ASN A 130 -21.96 -7.48 -10.56
C ASN A 130 -21.24 -7.44 -11.90
N PHE A 131 -20.78 -8.61 -12.35
CA PHE A 131 -20.03 -8.67 -13.61
C PHE A 131 -20.93 -8.31 -14.79
N ASP A 132 -22.17 -8.77 -14.79
CA ASP A 132 -23.08 -8.49 -15.90
C ASP A 132 -23.32 -6.99 -16.03
N ASP A 133 -23.50 -6.29 -14.90
CA ASP A 133 -23.71 -4.85 -14.95
C ASP A 133 -22.52 -4.15 -15.57
N ILE A 134 -21.31 -4.51 -15.13
CA ILE A 134 -20.09 -3.93 -15.71
C ILE A 134 -20.10 -4.12 -17.22
N LYS A 135 -20.40 -5.34 -17.67
CA LYS A 135 -20.44 -5.63 -19.10
C LYS A 135 -21.56 -4.84 -19.78
N ASN A 136 -22.78 -4.95 -19.24
CA ASN A 136 -23.92 -4.30 -19.89
C ASN A 136 -23.72 -2.79 -20.02
N GLY A 137 -22.91 -2.20 -19.15
CA GLY A 137 -22.61 -0.78 -19.25
C GLY A 137 -21.89 -0.37 -20.51
N LEU A 138 -21.42 -1.34 -21.30
CA LEU A 138 -20.66 -1.04 -22.50
C LEU A 138 -21.59 -0.76 -23.67
N GLU A 139 -21.26 0.27 -24.43
CA GLU A 139 -22.08 0.61 -25.59
C GLU A 139 -22.03 -0.53 -26.61
N PRO A 140 -23.13 -0.83 -27.27
CA PRO A 140 -23.12 -1.90 -28.28
C PRO A 140 -22.12 -1.61 -29.38
N GLU A 192 -29.38 9.02 0.14
CA GLU A 192 -28.14 8.82 -0.66
C GLU A 192 -28.51 8.31 -2.05
N ASN A 193 -27.93 8.91 -3.10
CA ASN A 193 -28.19 8.44 -4.45
C ASN A 193 -27.48 7.14 -4.61
N LEU A 194 -28.12 6.15 -5.23
CA LEU A 194 -27.51 4.83 -5.35
C LEU A 194 -27.57 4.30 -6.77
N GLU A 195 -27.23 5.15 -7.73
CA GLU A 195 -27.30 4.75 -9.12
C GLU A 195 -25.94 4.31 -9.66
N GLN A 196 -24.90 4.49 -8.86
CA GLN A 196 -23.56 4.18 -9.32
C GLN A 196 -23.02 2.96 -8.58
N ASP A 197 -22.58 1.95 -9.32
CA ASP A 197 -21.80 0.86 -8.73
C ASP A 197 -20.33 1.28 -8.65
N LEU A 198 -19.50 0.38 -8.11
CA LEU A 198 -18.10 0.73 -7.89
C LEU A 198 -17.41 1.09 -9.20
N CYS A 199 -17.57 0.26 -10.23
CA CYS A 199 -16.93 0.51 -11.51
C CYS A 199 -17.32 1.88 -12.07
N THR A 200 -18.60 2.21 -12.04
CA THR A 200 -19.06 3.50 -12.54
C THR A 200 -18.48 4.63 -11.71
N PHE A 201 -18.42 4.46 -10.39
CA PHE A 201 -17.90 5.51 -9.51
C PHE A 201 -16.42 5.75 -9.78
N LEU A 202 -15.62 4.69 -9.79
CA LEU A 202 -14.19 4.84 -10.03
C LEU A 202 -13.93 5.50 -11.38
N ILE A 203 -14.64 5.05 -12.42
CA ILE A 203 -14.46 5.65 -13.74
C ILE A 203 -14.87 7.12 -13.71
N SER A 204 -15.99 7.43 -13.05
CA SER A 204 -16.43 8.83 -12.96
C SER A 204 -15.37 9.69 -12.30
N ARG A 205 -14.87 9.27 -11.13
CA ARG A 205 -13.89 10.07 -10.42
C ARG A 205 -12.58 10.16 -11.19
N ALA A 206 -12.19 9.09 -11.90
CA ALA A 206 -10.96 9.11 -12.67
C ALA A 206 -11.03 10.13 -13.80
N CYS A 207 -12.21 10.31 -14.41
CA CYS A 207 -12.35 11.28 -15.49
C CYS A 207 -12.14 12.71 -15.02
N LYS A 208 -12.23 12.97 -13.72
CA LYS A 208 -12.06 14.30 -13.18
C LYS A 208 -10.69 14.53 -12.56
N ASN A 209 -9.83 13.51 -12.53
CA ASN A 209 -8.56 13.59 -11.81
C ASN A 209 -7.55 12.69 -12.51
N SER A 210 -6.62 13.31 -13.24
CA SER A 210 -5.66 12.54 -14.03
C SER A 210 -4.78 11.65 -13.14
N THR A 211 -4.54 12.06 -11.89
CA THR A 211 -3.77 11.21 -11.00
C THR A 211 -4.52 9.92 -10.68
N LEU A 212 -5.82 10.03 -10.38
CA LEU A 212 -6.63 8.82 -10.17
C LEU A 212 -6.72 8.01 -11.45
N ALA A 213 -6.89 8.68 -12.59
CA ALA A 213 -6.96 7.99 -13.87
C ALA A 213 -5.68 7.18 -14.10
N ASN A 214 -4.52 7.76 -13.80
CA ASN A 214 -3.26 7.06 -14.01
C ASN A 214 -3.24 5.73 -13.26
N TYR A 215 -3.48 5.79 -11.94
CA TYR A 215 -3.39 4.57 -11.13
C TYR A 215 -4.51 3.60 -11.47
N LEU A 216 -5.72 4.10 -11.75
CA LEU A 216 -6.80 3.22 -12.16
C LEU A 216 -6.39 2.42 -13.38
N TYR A 217 -5.81 3.07 -14.38
CA TYR A 217 -5.39 2.36 -15.59
C TYR A 217 -4.40 1.26 -15.27
N TRP A 218 -3.33 1.60 -14.55
CA TRP A 218 -2.27 0.62 -14.32
C TRP A 218 -2.73 -0.47 -13.36
N TYR A 219 -3.45 -0.10 -12.30
CA TYR A 219 -3.97 -1.13 -11.40
C TYR A 219 -4.84 -2.14 -12.15
N VAL A 220 -5.67 -1.65 -13.06
CA VAL A 220 -6.59 -2.53 -13.78
C VAL A 220 -5.88 -3.27 -14.90
N ILE A 221 -4.94 -2.60 -15.58
CA ILE A 221 -4.22 -3.29 -16.65
C ILE A 221 -3.48 -4.50 -16.11
N VAL A 222 -2.85 -4.36 -14.94
CA VAL A 222 -2.12 -5.48 -14.36
C VAL A 222 -3.06 -6.65 -14.11
N GLU A 223 -4.25 -6.38 -13.57
CA GLU A 223 -5.20 -7.45 -13.33
C GLU A 223 -5.67 -8.08 -14.64
N CYS A 224 -5.75 -7.29 -15.72
CA CYS A 224 -6.09 -7.87 -17.01
C CYS A 224 -5.00 -8.83 -17.49
N GLU A 225 -3.75 -8.49 -17.24
CA GLU A 225 -2.62 -9.31 -17.70
C GLU A 225 -2.41 -10.55 -16.84
N ASP A 226 -2.98 -10.59 -15.64
CA ASP A 226 -2.73 -11.67 -14.69
C ASP A 226 -3.11 -13.03 -15.29
N GLN A 227 -2.10 -13.84 -15.61
CA GLN A 227 -2.36 -15.13 -16.24
C GLN A 227 -2.90 -16.16 -15.27
N ASP A 228 -2.59 -16.03 -13.98
CA ASP A 228 -3.22 -16.88 -12.97
C ASP A 228 -4.73 -16.66 -12.96
N THR A 229 -5.16 -15.40 -12.85
CA THR A 229 -6.58 -15.09 -12.90
C THR A 229 -7.20 -15.57 -14.20
N GLN A 230 -6.49 -15.36 -15.32
CA GLN A 230 -7.01 -15.76 -16.62
C GLN A 230 -7.31 -17.26 -16.67
N GLN A 231 -6.43 -18.08 -16.07
CA GLN A 231 -6.59 -19.51 -16.16
C GLN A 231 -7.55 -20.05 -15.10
N ARG A 232 -7.48 -19.52 -13.88
CA ARG A 232 -8.25 -20.06 -12.77
C ARG A 232 -9.61 -19.38 -12.59
N ASP A 233 -9.73 -18.12 -12.99
CA ASP A 233 -10.96 -17.36 -12.83
C ASP A 233 -11.23 -16.59 -14.13
N PRO A 234 -11.57 -17.28 -15.21
CA PRO A 234 -11.81 -16.58 -16.47
C PRO A 234 -12.88 -15.50 -16.37
N LYS A 235 -13.91 -15.71 -15.56
CA LYS A 235 -14.97 -14.71 -15.42
C LYS A 235 -14.41 -13.42 -14.83
N THR A 236 -13.64 -13.53 -13.76
CA THR A 236 -13.02 -12.34 -13.17
C THR A 236 -12.07 -11.67 -14.16
N HIS A 237 -11.30 -12.46 -14.90
CA HIS A 237 -10.42 -11.90 -15.91
C HIS A 237 -11.22 -11.08 -16.94
N GLU A 238 -12.33 -11.62 -17.40
CA GLU A 238 -13.13 -10.90 -18.38
C GLU A 238 -13.68 -9.62 -17.77
N MET A 239 -14.10 -9.68 -16.51
CA MET A 239 -14.62 -8.50 -15.85
C MET A 239 -13.61 -7.36 -15.91
N TYR A 240 -12.38 -7.64 -15.51
CA TYR A 240 -11.36 -6.60 -15.52
C TYR A 240 -11.12 -6.07 -16.93
N LEU A 241 -11.18 -6.97 -17.92
CA LEU A 241 -11.17 -6.51 -19.30
C LEU A 241 -12.33 -5.56 -19.57
N ASN A 242 -13.53 -5.93 -19.13
CA ASN A 242 -14.69 -5.06 -19.30
C ASN A 242 -14.49 -3.75 -18.57
N VAL A 243 -13.91 -3.79 -17.37
CA VAL A 243 -13.61 -2.56 -16.65
C VAL A 243 -12.72 -1.66 -17.50
N MET A 244 -11.66 -2.23 -18.08
CA MET A 244 -10.78 -1.45 -18.95
C MET A 244 -11.54 -0.93 -20.15
N ARG A 245 -12.42 -1.75 -20.72
CA ARG A 245 -13.23 -1.29 -21.85
C ARG A 245 -14.16 -0.16 -21.45
N ARG A 246 -14.76 -0.26 -20.27
CA ARG A 246 -15.64 0.79 -19.79
C ARG A 246 -14.86 2.09 -19.54
N PHE A 247 -13.62 1.95 -19.07
CA PHE A 247 -12.76 3.12 -18.85
C PHE A 247 -12.44 3.82 -20.17
N SER A 248 -11.91 3.07 -21.14
CA SER A 248 -11.63 3.64 -22.45
C SER A 248 -12.87 4.32 -23.03
N GLN A 249 -14.02 3.66 -22.93
CA GLN A 249 -15.25 4.23 -23.46
C GLN A 249 -15.55 5.58 -22.83
N ALA A 250 -15.53 5.65 -21.50
CA ALA A 250 -15.82 6.91 -20.82
C ALA A 250 -14.86 8.00 -21.28
N LEU A 251 -13.57 7.68 -21.40
CA LEU A 251 -12.59 8.67 -21.83
C LEU A 251 -12.93 9.20 -23.22
N LEU A 252 -13.25 8.30 -24.16
CA LEU A 252 -13.52 8.73 -25.53
C LEU A 252 -14.80 9.54 -25.64
N LYS A 253 -15.69 9.46 -24.65
CA LYS A 253 -16.95 10.18 -24.66
C LYS A 253 -16.92 11.43 -23.77
N GLY A 254 -15.74 11.80 -23.26
CA GLY A 254 -15.62 12.93 -22.36
C GLY A 254 -15.28 14.23 -23.09
N ASP A 255 -15.00 15.25 -22.30
CA ASP A 255 -14.60 16.54 -22.83
C ASP A 255 -13.20 16.44 -23.45
N LYS A 256 -12.76 17.55 -24.05
CA LYS A 256 -11.41 17.60 -24.60
C LYS A 256 -10.37 17.25 -23.55
N SER A 257 -10.55 17.74 -22.32
CA SER A 257 -9.60 17.41 -21.25
C SER A 257 -9.59 15.92 -20.94
N VAL A 258 -10.75 15.28 -21.04
CA VAL A 258 -10.85 13.86 -20.70
C VAL A 258 -10.27 13.00 -21.82
N ARG A 259 -10.64 13.30 -23.07
CA ARG A 259 -10.19 12.48 -24.19
C ARG A 259 -8.66 12.46 -24.30
N VAL A 260 -8.02 13.59 -24.03
CA VAL A 260 -6.56 13.63 -24.14
C VAL A 260 -5.92 12.72 -23.11
N MET A 261 -6.54 12.54 -21.95
CA MET A 261 -6.00 11.62 -20.95
C MET A 261 -5.84 10.22 -21.54
N ARG A 262 -6.75 9.82 -22.41
CA ARG A 262 -6.68 8.48 -22.99
C ARG A 262 -5.41 8.30 -23.81
N SER A 263 -5.10 9.28 -24.65
CA SER A 263 -3.88 9.19 -25.46
C SER A 263 -2.64 9.24 -24.58
N LEU A 264 -2.68 10.03 -23.51
CA LEU A 264 -1.57 10.03 -22.56
C LEU A 264 -1.36 8.64 -21.96
N LEU A 265 -2.45 7.98 -21.55
CA LEU A 265 -2.34 6.61 -21.07
C LEU A 265 -1.73 5.71 -22.12
N ALA A 266 -2.18 5.84 -23.37
CA ALA A 266 -1.61 5.02 -24.44
C ALA A 266 -0.12 5.31 -24.60
N ALA A 267 0.26 6.59 -24.53
CA ALA A 267 1.67 6.94 -24.63
C ALA A 267 2.48 6.30 -23.52
N GLN A 268 1.94 6.29 -22.30
CA GLN A 268 2.61 5.61 -21.19
C GLN A 268 2.79 4.13 -21.50
N GLN A 269 1.73 3.48 -21.97
CA GLN A 269 1.78 2.04 -22.22
C GLN A 269 2.86 1.70 -23.25
N THR A 270 2.95 2.47 -24.34
CA THR A 270 3.93 2.18 -25.37
C THR A 270 5.35 2.40 -24.87
N PHE A 271 5.54 3.45 -24.07
CA PHE A 271 6.84 3.70 -23.46
C PHE A 271 7.28 2.50 -22.62
N VAL A 272 6.39 2.02 -21.74
CA VAL A 272 6.73 0.86 -20.92
C VAL A 272 7.05 -0.34 -21.81
N ASP A 273 6.26 -0.53 -22.87
CA ASP A 273 6.52 -1.63 -23.78
C ASP A 273 7.92 -1.55 -24.38
N ARG A 274 8.35 -0.35 -24.77
CA ARG A 274 9.68 -0.18 -25.33
C ARG A 274 10.75 -0.36 -24.27
N LEU A 275 10.49 0.05 -23.04
CA LEU A 275 11.45 -0.18 -21.96
C LEU A 275 11.64 -1.67 -21.70
N VAL A 276 10.54 -2.41 -21.62
CA VAL A 276 10.63 -3.86 -21.48
C VAL A 276 11.47 -4.45 -22.60
N HIS A 277 11.18 -4.06 -23.85
CA HIS A 277 11.97 -4.53 -24.97
C HIS A 277 13.44 -4.15 -24.81
N LEU A 278 13.70 -2.95 -24.30
CA LEU A 278 15.08 -2.52 -24.05
C LEU A 278 15.79 -3.45 -23.06
N MET A 279 15.11 -3.82 -21.98
CA MET A 279 15.73 -4.68 -20.97
C MET A 279 16.08 -6.04 -21.56
N LYS A 280 15.19 -6.61 -22.36
CA LYS A 280 15.52 -7.87 -23.03
C LYS A 280 16.71 -7.68 -23.96
N ALA A 281 16.73 -6.57 -24.72
CA ALA A 281 17.81 -6.35 -25.69
C ALA A 281 19.15 -6.22 -24.99
N VAL A 282 19.19 -5.50 -23.87
N VAL A 282 19.20 -5.53 -23.84
CA VAL A 282 20.44 -5.41 -23.11
CA VAL A 282 20.46 -5.40 -23.12
C VAL A 282 20.95 -6.80 -22.76
C VAL A 282 20.97 -6.77 -22.70
N GLN A 283 20.06 -7.69 -22.36
CA GLN A 283 20.46 -9.05 -22.02
C GLN A 283 20.95 -9.82 -23.23
N ARG A 284 20.96 -9.22 -24.43
CA ARG A 284 21.60 -9.82 -25.58
C ARG A 284 23.12 -9.68 -25.52
N GLU A 285 23.62 -8.61 -24.89
CA GLU A 285 25.05 -8.47 -24.62
C GLU A 285 25.45 -9.53 -23.60
N SER A 286 26.18 -10.55 -24.05
CA SER A 286 26.58 -11.65 -23.19
C SER A 286 27.78 -11.32 -22.31
N GLY A 287 28.30 -10.10 -22.37
CA GLY A 287 29.45 -9.71 -21.59
C GLY A 287 29.11 -9.46 -20.12
N ASN A 288 30.11 -8.98 -19.39
CA ASN A 288 29.96 -8.69 -17.98
C ASN A 288 29.04 -7.48 -17.78
N ARG A 289 28.85 -7.10 -16.52
CA ARG A 289 27.93 -6.01 -16.22
C ARG A 289 28.35 -4.72 -16.93
N LYS A 290 29.66 -4.44 -16.97
CA LYS A 290 30.13 -3.25 -17.66
C LYS A 290 29.68 -3.25 -19.12
N LYS A 291 29.86 -4.39 -19.80
CA LYS A 291 29.42 -4.48 -21.20
C LYS A 291 27.91 -4.30 -21.31
N LYS A 292 27.15 -4.93 -20.39
CA LYS A 292 25.69 -4.77 -20.43
C LYS A 292 25.30 -3.33 -20.18
N ASN A 293 25.98 -2.65 -19.25
CA ASN A 293 25.71 -1.24 -19.02
C ASN A 293 25.96 -0.43 -20.29
N GLU A 294 27.05 -0.71 -20.98
CA GLU A 294 27.34 -0.02 -22.23
C GLU A 294 26.25 -0.29 -23.26
N ARG A 295 25.77 -1.53 -23.32
CA ARG A 295 24.66 -1.84 -24.21
C ARG A 295 23.43 -1.03 -23.83
N LEU A 296 23.10 -1.02 -22.53
CA LEU A 296 21.94 -0.27 -22.06
C LEU A 296 22.05 1.20 -22.45
N GLN A 297 23.17 1.85 -22.11
CA GLN A 297 23.32 3.28 -22.39
C GLN A 297 23.30 3.55 -23.88
N ALA A 298 23.89 2.66 -24.68
CA ALA A 298 23.87 2.86 -26.12
C ALA A 298 22.44 2.79 -26.66
N LEU A 299 21.69 1.76 -26.26
CA LEU A 299 20.32 1.63 -26.74
C LEU A 299 19.46 2.81 -26.32
N LEU A 300 19.69 3.33 -25.12
CA LEU A 300 18.93 4.48 -24.67
C LEU A 300 19.23 5.70 -25.51
N GLY A 301 20.46 5.78 -26.03
CA GLY A 301 20.83 6.90 -26.87
C GLY A 301 20.07 6.95 -28.18
N ASP A 302 19.78 5.78 -28.74
CA ASP A 302 19.08 5.72 -30.02
C ASP A 302 17.58 5.91 -29.87
N ASN A 303 17.14 7.16 -29.75
CA ASN A 303 15.72 7.44 -29.65
C ASN A 303 15.01 7.04 -30.93
N GLU A 304 15.75 7.01 -32.04
CA GLU A 304 15.17 6.60 -33.30
C GLU A 304 14.68 5.16 -33.20
N LYS A 305 15.43 4.32 -32.52
CA LYS A 305 15.06 2.91 -32.42
C LYS A 305 14.29 2.59 -31.15
N MET A 306 14.82 2.98 -30.00
CA MET A 306 14.18 2.67 -28.73
C MET A 306 13.13 3.71 -28.37
N ASN A 307 13.37 4.95 -28.77
CA ASN A 307 12.41 6.02 -28.52
C ASN A 307 12.15 6.12 -27.03
N LEU A 308 13.21 6.25 -26.24
CA LEU A 308 13.06 6.37 -24.80
C LEU A 308 13.83 7.55 -24.22
N SER A 309 14.62 8.26 -25.02
CA SER A 309 15.37 9.41 -24.55
C SER A 309 14.69 10.74 -24.85
N ASP A 310 13.77 10.80 -25.82
CA ASP A 310 13.09 12.04 -26.18
C ASP A 310 11.63 11.73 -26.49
N VAL A 311 10.78 11.98 -25.51
CA VAL A 311 9.34 11.69 -25.69
C VAL A 311 8.55 12.98 -25.43
N GLU A 312 7.25 12.95 -25.67
CA GLU A 312 6.39 14.14 -25.63
C GLU A 312 5.79 14.38 -24.23
N LEU A 313 6.68 14.60 -23.25
CA LEU A 313 6.27 15.01 -21.91
C LEU A 313 5.05 14.23 -21.42
N ILE A 314 5.22 12.95 -21.11
N ILE A 314 5.23 12.96 -21.10
CA ILE A 314 4.11 12.12 -20.66
CA ILE A 314 4.14 12.09 -20.66
C ILE A 314 4.22 11.94 -19.15
C ILE A 314 4.23 11.91 -19.15
N PRO A 315 3.11 11.70 -18.46
CA PRO A 315 3.17 11.46 -17.01
C PRO A 315 3.99 10.22 -16.70
N LEU A 316 4.76 10.29 -15.62
CA LEU A 316 5.52 9.14 -15.16
C LEU A 316 4.58 8.16 -14.47
N PRO A 317 4.40 6.95 -15.01
CA PRO A 317 3.47 6.00 -14.36
C PRO A 317 3.69 5.87 -12.87
N LEU A 318 4.95 5.77 -12.43
CA LEU A 318 5.26 5.64 -11.01
C LEU A 318 4.72 6.80 -10.20
N GLU A 319 4.74 8.01 -10.78
CA GLU A 319 4.29 9.22 -10.10
C GLU A 319 3.72 10.15 -11.15
N PRO A 320 2.42 10.05 -11.44
CA PRO A 320 1.87 10.75 -12.60
C PRO A 320 2.05 12.27 -12.54
N GLN A 321 2.16 12.85 -11.35
CA GLN A 321 2.37 14.29 -11.27
C GLN A 321 3.66 14.70 -11.95
N VAL A 322 4.61 13.78 -12.07
CA VAL A 322 5.90 14.07 -12.69
C VAL A 322 5.82 13.79 -14.18
N LYS A 323 6.03 14.83 -14.99
CA LYS A 323 6.08 14.69 -16.43
C LYS A 323 7.53 14.51 -16.87
N ILE A 324 7.75 13.61 -17.84
CA ILE A 324 9.08 13.18 -18.20
C ILE A 324 9.31 13.36 -19.69
N ARG A 325 10.51 13.78 -20.06
CA ARG A 325 10.94 13.94 -21.44
C ARG A 325 11.59 12.68 -22.02
N GLY A 326 11.97 11.74 -21.18
CA GLY A 326 12.68 10.54 -21.56
C GLY A 326 13.64 10.15 -20.46
N ILE A 327 14.57 9.25 -20.81
CA ILE A 327 15.55 8.72 -19.88
C ILE A 327 16.93 9.20 -20.28
N ILE A 328 17.73 9.60 -19.28
CA ILE A 328 19.11 10.00 -19.52
C ILE A 328 19.92 8.76 -19.89
N PRO A 329 20.38 8.64 -21.14
CA PRO A 329 21.07 7.40 -21.54
C PRO A 329 22.37 7.15 -20.80
N GLU A 330 23.17 8.19 -20.58
CA GLU A 330 24.55 7.99 -20.16
C GLU A 330 24.69 7.60 -18.69
N THR A 331 23.64 7.78 -17.89
CA THR A 331 23.70 7.45 -16.47
C THR A 331 22.89 6.21 -16.13
N ALA A 332 22.46 5.43 -17.12
CA ALA A 332 21.70 4.22 -16.86
C ALA A 332 22.66 3.07 -16.60
N THR A 333 22.42 2.32 -15.53
CA THR A 333 23.22 1.14 -15.23
C THR A 333 22.34 0.07 -14.61
N LEU A 334 22.88 -1.14 -14.55
CA LEU A 334 22.17 -2.30 -14.02
C LEU A 334 22.68 -2.64 -12.63
N PHE A 335 21.77 -3.04 -11.76
CA PHE A 335 22.18 -3.53 -10.45
C PHE A 335 22.86 -4.88 -10.58
N LYS A 336 23.73 -5.17 -9.62
CA LYS A 336 24.40 -6.48 -9.54
C LYS A 336 23.55 -7.44 -8.70
N SER A 337 22.42 -7.83 -9.27
CA SER A 337 21.55 -8.83 -8.67
C SER A 337 21.08 -9.79 -9.76
N ALA A 338 20.41 -10.86 -9.33
CA ALA A 338 20.06 -11.94 -10.26
C ALA A 338 19.26 -11.42 -11.45
N LEU A 339 18.25 -10.58 -11.19
CA LEU A 339 17.40 -10.08 -12.26
C LEU A 339 17.99 -8.87 -12.97
N MET A 340 19.08 -8.32 -12.46
CA MET A 340 19.76 -7.19 -13.08
C MET A 340 18.76 -6.06 -13.38
N PRO A 341 18.04 -5.56 -12.39
CA PRO A 341 17.18 -4.39 -12.60
C PRO A 341 18.02 -3.17 -12.94
N ALA A 342 17.40 -2.24 -13.65
CA ALA A 342 18.09 -1.04 -14.11
C ALA A 342 17.74 0.16 -13.26
N GLN A 343 18.75 0.93 -12.91
CA GLN A 343 18.56 2.27 -12.36
C GLN A 343 18.51 3.24 -13.54
N LEU A 344 17.41 3.97 -13.66
CA LEU A 344 17.18 4.88 -14.77
C LEU A 344 16.83 6.26 -14.24
N PHE A 345 17.43 7.28 -14.84
CA PHE A 345 17.17 8.67 -14.47
C PHE A 345 16.26 9.28 -15.53
N PHE A 346 15.00 9.54 -15.16
CA PHE A 346 14.06 10.17 -16.06
C PHE A 346 14.31 11.67 -16.10
N LYS A 347 14.34 12.22 -17.31
CA LYS A 347 14.40 13.68 -17.50
C LYS A 347 13.01 14.25 -17.30
N THR A 348 12.86 15.15 -16.34
CA THR A 348 11.55 15.74 -16.06
C THR A 348 11.35 17.00 -16.90
N GLU A 349 10.10 17.49 -16.91
CA GLU A 349 9.76 18.60 -17.77
C GLU A 349 10.49 19.89 -17.37
N ASP A 350 10.83 20.04 -16.10
CA ASP A 350 11.49 21.24 -15.59
C ASP A 350 13.00 21.07 -15.48
N GLY A 351 13.58 20.17 -16.28
CA GLY A 351 15.01 19.99 -16.29
C GLY A 351 15.58 19.15 -15.18
N GLY A 352 14.74 18.59 -14.31
CA GLY A 352 15.19 17.79 -13.20
C GLY A 352 15.34 16.33 -13.56
N LYS A 353 15.69 15.53 -12.55
CA LYS A 353 15.93 14.11 -12.72
C LYS A 353 15.13 13.33 -11.69
N TYR A 354 14.44 12.29 -12.14
CA TYR A 354 13.71 11.39 -11.24
C TYR A 354 14.31 9.99 -11.37
N PRO A 355 15.12 9.54 -10.41
CA PRO A 355 15.68 8.20 -10.50
C PRO A 355 14.67 7.13 -10.11
N VAL A 356 14.63 6.07 -10.91
CA VAL A 356 13.77 4.93 -10.64
C VAL A 356 14.59 3.65 -10.75
N ILE A 357 14.02 2.57 -10.25
CA ILE A 357 14.45 1.21 -10.54
C ILE A 357 13.36 0.58 -11.39
N PHE A 358 13.74 0.02 -12.53
CA PHE A 358 12.82 -0.75 -13.35
C PHE A 358 13.24 -2.20 -13.31
N LYS A 359 12.36 -3.06 -12.81
CA LYS A 359 12.65 -4.47 -12.64
C LYS A 359 11.79 -5.28 -13.60
N HIS A 360 12.42 -6.16 -14.35
CA HIS A 360 11.72 -7.07 -15.25
C HIS A 360 11.94 -8.51 -14.78
N GLY A 361 10.89 -9.31 -14.87
CA GLY A 361 10.96 -10.68 -14.41
C GLY A 361 10.60 -10.88 -12.96
N ASP A 362 9.78 -10.01 -12.39
CA ASP A 362 9.44 -10.07 -10.98
C ASP A 362 8.04 -9.49 -10.81
N ASP A 363 7.26 -10.10 -9.91
CA ASP A 363 5.92 -9.60 -9.59
C ASP A 363 6.03 -8.66 -8.40
N LEU A 364 5.90 -7.37 -8.65
CA LEU A 364 6.08 -6.36 -7.61
C LEU A 364 4.82 -6.11 -6.80
N ARG A 365 3.75 -6.87 -7.01
CA ARG A 365 2.47 -6.50 -6.42
C ARG A 365 2.47 -6.59 -4.90
N GLN A 366 3.21 -7.54 -4.34
CA GLN A 366 3.31 -7.61 -2.88
C GLN A 366 4.04 -6.39 -2.34
N ASP A 367 5.17 -6.03 -2.95
CA ASP A 367 5.84 -4.78 -2.59
C ASP A 367 4.92 -3.58 -2.78
N GLN A 368 4.17 -3.56 -3.89
CA GLN A 368 3.26 -2.46 -4.15
C GLN A 368 2.25 -2.29 -3.02
N LEU A 369 1.67 -3.40 -2.56
CA LEU A 369 0.71 -3.33 -1.46
C LEU A 369 1.36 -2.78 -0.20
N ILE A 370 2.53 -3.32 0.18
CA ILE A 370 3.15 -2.92 1.42
C ILE A 370 3.51 -1.44 1.41
N LEU A 371 4.08 -0.96 0.30
CA LEU A 371 4.44 0.45 0.23
C LEU A 371 3.20 1.33 0.18
N GLN A 372 2.11 0.87 -0.44
CA GLN A 372 0.87 1.61 -0.41
C GLN A 372 0.33 1.69 1.01
N ILE A 373 0.46 0.60 1.77
CA ILE A 373 -0.02 0.61 3.16
C ILE A 373 0.91 1.46 4.03
N ILE A 374 2.21 1.40 3.79
CA ILE A 374 3.14 2.23 4.55
C ILE A 374 2.89 3.71 4.27
N SER A 375 2.66 4.05 3.00
CA SER A 375 2.25 5.41 2.65
C SER A 375 1.02 5.83 3.46
N LEU A 376 0.00 4.96 3.47
CA LEU A 376 -1.21 5.27 4.24
C LEU A 376 -0.88 5.46 5.72
N MET A 377 -0.08 4.55 6.29
CA MET A 377 0.25 4.65 7.70
C MET A 377 1.02 5.94 7.99
N ASP A 378 1.88 6.36 7.07
CA ASP A 378 2.60 7.62 7.23
C ASP A 378 1.63 8.80 7.22
N LYS A 379 0.72 8.83 6.24
CA LYS A 379 -0.25 9.91 6.18
C LYS A 379 -1.10 9.96 7.45
N LEU A 380 -1.53 8.79 7.94
CA LEU A 380 -2.28 8.75 9.19
C LEU A 380 -1.47 9.33 10.33
N LEU A 381 -0.21 8.90 10.46
CA LEU A 381 0.67 9.47 11.48
C LEU A 381 0.83 10.97 11.29
N ARG A 382 1.01 11.40 10.05
CA ARG A 382 1.15 12.83 9.78
C ARG A 382 -0.14 13.57 10.15
N LYS A 383 -1.30 13.00 9.82
CA LYS A 383 -2.56 13.63 10.20
C LYS A 383 -2.62 13.87 11.72
N GLU A 384 -2.12 12.91 12.50
CA GLU A 384 -2.06 13.05 13.95
C GLU A 384 -0.86 13.88 14.40
N ASN A 385 -0.24 14.63 13.49
CA ASN A 385 0.88 15.52 13.80
C ASN A 385 2.13 14.77 14.21
N LEU A 386 2.31 13.54 13.73
CA LEU A 386 3.49 12.74 14.03
C LEU A 386 4.20 12.41 12.72
N ASP A 387 5.33 13.06 12.48
CA ASP A 387 6.17 12.83 11.31
C ASP A 387 7.38 12.01 11.76
N LEU A 388 7.36 10.71 11.48
CA LEU A 388 8.43 9.82 11.90
C LEU A 388 9.50 9.66 10.82
N LYS A 389 9.58 10.58 9.86
CA LYS A 389 10.64 10.59 8.85
C LYS A 389 10.71 9.24 8.14
N LEU A 390 9.54 8.75 7.73
CA LEU A 390 9.45 7.49 7.02
C LEU A 390 9.80 7.68 5.55
N THR A 391 10.01 6.56 4.85
CA THR A 391 10.35 6.57 3.44
C THR A 391 9.37 5.68 2.68
N PRO A 392 8.14 6.15 2.51
CA PRO A 392 7.17 5.41 1.69
C PRO A 392 7.45 5.59 0.21
N TYR A 393 8.54 4.99 -0.26
CA TYR A 393 8.90 5.15 -1.67
C TYR A 393 7.83 4.52 -2.54
N LYS A 394 7.70 5.05 -3.75
CA LYS A 394 6.63 4.62 -4.63
C LYS A 394 7.00 3.33 -5.36
N VAL A 395 6.01 2.47 -5.51
CA VAL A 395 6.14 1.22 -6.25
C VAL A 395 4.92 1.11 -7.17
N LEU A 396 5.16 0.76 -8.43
CA LEU A 396 4.07 0.57 -9.38
C LEU A 396 4.38 -0.62 -10.27
N ALA A 397 3.58 -1.67 -10.15
CA ALA A 397 3.63 -2.76 -11.11
C ALA A 397 3.04 -2.26 -12.44
N THR A 398 3.81 -2.43 -13.52
CA THR A 398 3.31 -2.17 -14.86
C THR A 398 2.87 -3.45 -15.54
N SER A 399 2.97 -4.58 -14.85
CA SER A 399 2.59 -5.90 -15.33
C SER A 399 2.80 -6.84 -14.15
N THR A 400 2.31 -8.07 -14.28
CA THR A 400 2.70 -9.06 -13.29
C THR A 400 4.16 -9.45 -13.41
N LYS A 401 4.85 -8.95 -14.44
CA LYS A 401 6.23 -9.35 -14.73
C LYS A 401 7.23 -8.19 -14.69
N HIS A 402 6.78 -6.95 -14.48
CA HIS A 402 7.71 -5.84 -14.40
C HIS A 402 7.04 -4.65 -13.74
N GLY A 403 7.86 -3.70 -13.29
CA GLY A 403 7.33 -2.51 -12.66
C GLY A 403 8.43 -1.56 -12.26
N PHE A 404 8.00 -0.41 -11.73
CA PHE A 404 8.90 0.66 -11.33
C PHE A 404 8.97 0.74 -9.81
N MET A 405 10.11 1.19 -9.31
CA MET A 405 10.25 1.60 -7.92
C MET A 405 10.99 2.94 -7.91
N GLN A 406 10.54 3.82 -7.02
CA GLN A 406 11.24 5.07 -6.79
C GLN A 406 12.57 4.81 -6.12
N PHE A 407 13.66 5.30 -6.71
CA PHE A 407 14.98 5.10 -6.15
C PHE A 407 15.26 6.15 -5.07
N ILE A 408 15.70 5.69 -3.90
CA ILE A 408 16.02 6.54 -2.77
C ILE A 408 17.53 6.46 -2.54
N GLN A 409 18.22 7.58 -2.72
CA GLN A 409 19.66 7.60 -2.48
C GLN A 409 19.94 7.21 -1.03
N SER A 410 20.71 6.14 -0.86
CA SER A 410 20.89 5.54 0.46
C SER A 410 21.98 4.49 0.37
N VAL A 411 22.27 3.87 1.51
CA VAL A 411 23.29 2.82 1.59
C VAL A 411 22.76 1.72 2.51
N PRO A 412 22.80 0.46 2.08
CA PRO A 412 22.33 -0.61 2.97
C PRO A 412 23.17 -0.65 4.24
N VAL A 413 22.51 -1.03 5.35
CA VAL A 413 23.21 -1.03 6.63
C VAL A 413 24.36 -2.02 6.62
N ALA A 414 24.22 -3.12 5.87
CA ALA A 414 25.34 -4.06 5.76
C ALA A 414 26.55 -3.38 5.14
N GLU A 415 26.35 -2.56 4.11
CA GLU A 415 27.46 -1.83 3.52
C GLU A 415 28.00 -0.79 4.49
N VAL A 416 27.10 -0.14 5.25
CA VAL A 416 27.56 0.82 6.24
C VAL A 416 28.55 0.17 7.20
N LEU A 417 28.19 -0.99 7.74
CA LEU A 417 29.08 -1.69 8.67
C LEU A 417 30.36 -2.12 7.98
N ASP A 418 30.28 -2.55 6.73
CA ASP A 418 31.47 -3.01 6.03
C ASP A 418 32.47 -1.88 5.82
N THR A 419 31.98 -0.68 5.49
CA THR A 419 32.84 0.45 5.15
C THR A 419 33.17 1.33 6.35
N GLU A 420 32.25 1.49 7.29
CA GLU A 420 32.43 2.39 8.41
C GLU A 420 32.42 1.71 9.76
N GLY A 421 31.97 0.45 9.85
CA GLY A 421 31.99 -0.29 11.08
C GLY A 421 30.74 -0.14 11.94
N SER A 422 30.01 0.96 11.80
CA SER A 422 28.85 1.20 12.64
C SER A 422 28.04 2.35 12.06
N ILE A 423 26.74 2.36 12.37
CA ILE A 423 25.89 3.48 11.97
C ILE A 423 26.40 4.78 12.58
N GLN A 424 26.75 4.75 13.86
CA GLN A 424 27.21 5.97 14.52
C GLN A 424 28.46 6.52 13.85
N ASN A 425 29.37 5.63 13.44
CA ASN A 425 30.54 6.10 12.71
C ASN A 425 30.09 6.75 11.43
N PHE A 426 29.17 6.10 10.73
CA PHE A 426 28.68 6.63 9.47
C PHE A 426 28.09 8.01 9.67
N PHE A 427 27.28 8.16 10.70
CA PHE A 427 26.66 9.45 10.96
C PHE A 427 27.71 10.50 11.25
N ARG A 428 28.70 10.16 12.06
CA ARG A 428 29.76 11.11 12.39
C ARG A 428 30.53 11.52 11.15
N LYS A 429 30.79 10.57 10.26
CA LYS A 429 31.53 10.87 9.05
C LYS A 429 30.82 11.86 8.15
N TYR A 430 29.51 11.73 8.03
CA TYR A 430 28.77 12.60 7.11
C TYR A 430 27.93 13.66 7.84
N ALA A 431 27.66 13.45 9.11
CA ALA A 431 26.89 14.43 9.88
C ALA A 431 27.48 14.64 11.27
N PRO A 432 28.68 15.23 11.34
CA PRO A 432 29.33 15.44 12.63
C PRO A 432 28.79 16.66 13.37
N SER A 433 28.78 16.60 14.70
CA SER A 433 28.32 17.74 15.49
C SER A 433 29.01 17.74 16.84
N GLU A 434 29.87 18.72 17.08
CA GLU A 434 30.64 18.73 18.32
C GLU A 434 29.73 18.56 19.53
N ASN A 435 28.71 19.41 19.65
CA ASN A 435 27.79 19.33 20.77
C ASN A 435 26.69 18.31 20.59
N GLY A 436 26.58 17.71 19.40
CA GLY A 436 25.54 16.75 19.12
C GLY A 436 25.73 15.43 19.87
N PRO A 437 24.68 14.63 19.92
CA PRO A 437 24.76 13.34 20.64
C PRO A 437 25.82 12.44 20.01
N ASN A 438 26.78 12.02 20.83
CA ASN A 438 27.88 11.17 20.36
C ASN A 438 28.57 11.79 19.15
N GLY A 439 28.68 13.12 19.16
CA GLY A 439 29.32 13.81 18.04
C GLY A 439 28.56 13.68 16.74
N ILE A 440 27.24 13.55 16.80
CA ILE A 440 26.40 13.40 15.62
C ILE A 440 25.36 14.51 15.61
N SER A 441 25.04 15.01 14.42
CA SER A 441 24.04 16.05 14.27
C SER A 441 22.75 15.68 15.00
N ALA A 442 22.32 16.56 15.90
CA ALA A 442 21.08 16.31 16.63
C ALA A 442 19.91 16.09 15.68
N GLU A 443 19.88 16.84 14.57
CA GLU A 443 18.82 16.66 13.60
C GLU A 443 18.87 15.28 12.97
N VAL A 444 20.07 14.84 12.57
CA VAL A 444 20.23 13.51 11.99
C VAL A 444 19.81 12.45 13.00
N MET A 445 20.25 12.58 14.25
CA MET A 445 19.91 11.59 15.28
C MET A 445 18.41 11.56 15.51
N ASP A 446 17.77 12.74 15.60
CA ASP A 446 16.32 12.76 15.78
C ASP A 446 15.61 12.07 14.63
N THR A 447 16.10 12.25 13.40
CA THR A 447 15.52 11.58 12.26
C THR A 447 15.71 10.06 12.36
N TYR A 448 16.90 9.63 12.78
CA TYR A 448 17.16 8.20 12.90
C TYR A 448 16.27 7.56 13.96
N VAL A 449 16.14 8.20 15.12
CA VAL A 449 15.32 7.64 16.19
C VAL A 449 13.87 7.53 15.77
N LYS A 450 13.35 8.59 15.14
CA LYS A 450 11.94 8.57 14.73
C LYS A 450 11.69 7.52 13.67
N SER A 451 12.55 7.46 12.64
CA SER A 451 12.35 6.48 11.58
C SER A 451 12.52 5.06 12.11
N CYS A 452 13.48 4.84 13.02
CA CYS A 452 13.59 3.53 13.67
C CYS A 452 12.29 3.15 14.35
N ALA A 453 11.73 4.07 15.15
CA ALA A 453 10.47 3.79 15.84
C ALA A 453 9.36 3.50 14.84
N GLY A 454 9.22 4.34 13.82
CA GLY A 454 8.15 4.16 12.86
C GLY A 454 8.19 2.79 12.19
N TYR A 455 9.34 2.46 11.60
CA TYR A 455 9.44 1.18 10.90
C TYR A 455 9.41 0.01 11.86
N CYS A 456 9.89 0.21 13.09
N CYS A 456 9.88 0.25 13.09
CA CYS A 456 9.82 -0.87 14.07
CA CYS A 456 9.86 -0.79 14.12
C CYS A 456 8.37 -1.26 14.35
C CYS A 456 8.42 -1.22 14.43
N VAL A 457 7.49 -0.26 14.48
CA VAL A 457 6.09 -0.58 14.75
C VAL A 457 5.39 -1.03 13.48
N ILE A 458 5.72 -0.40 12.35
CA ILE A 458 5.04 -0.72 11.09
C ILE A 458 5.39 -2.12 10.62
N THR A 459 6.68 -2.46 10.60
CA THR A 459 7.05 -3.82 10.22
C THR A 459 6.45 -4.85 11.16
N TYR A 460 6.27 -4.49 12.43
CA TYR A 460 5.65 -5.42 13.38
C TYR A 460 4.19 -5.67 13.03
N ILE A 461 3.44 -4.61 12.75
CA ILE A 461 2.02 -4.76 12.43
C ILE A 461 1.84 -5.58 11.16
N LEU A 462 2.69 -5.33 10.16
CA LEU A 462 2.57 -6.03 8.89
C LEU A 462 3.27 -7.38 8.88
N GLY A 463 3.91 -7.77 9.98
CA GLY A 463 4.54 -9.08 10.05
C GLY A 463 5.63 -9.29 9.01
N VAL A 464 6.44 -8.27 8.74
CA VAL A 464 7.49 -8.38 7.73
C VAL A 464 8.60 -9.28 8.25
N GLY A 465 8.98 -10.27 7.43
CA GLY A 465 10.05 -11.18 7.76
C GLY A 465 11.25 -11.01 6.84
N ASP A 466 12.17 -11.96 6.90
CA ASP A 466 13.39 -11.90 6.08
C ASP A 466 14.06 -10.55 6.26
N ARG A 467 14.30 -10.17 7.52
CA ARG A 467 14.90 -8.89 7.84
C ARG A 467 16.39 -9.07 8.11
N HIS A 468 17.22 -8.49 7.25
CA HIS A 468 18.67 -8.54 7.40
C HIS A 468 19.25 -7.17 7.05
N LEU A 469 20.57 -7.05 7.11
CA LEU A 469 21.22 -5.76 6.93
C LEU A 469 21.26 -5.32 5.47
N ASP A 470 20.89 -6.19 4.53
CA ASP A 470 20.85 -5.80 3.13
C ASP A 470 19.51 -5.23 2.70
N ASN A 471 18.43 -5.51 3.43
CA ASN A 471 17.16 -4.85 3.12
C ASN A 471 16.79 -3.82 4.18
N LEU A 472 17.79 -3.32 4.90
CA LEU A 472 17.64 -2.19 5.80
C LEU A 472 18.57 -1.08 5.30
N LEU A 473 17.99 0.00 4.80
CA LEU A 473 18.73 1.08 4.15
C LEU A 473 18.77 2.32 5.02
N LEU A 474 19.77 3.15 4.78
CA LEU A 474 20.02 4.33 5.59
C LEU A 474 20.49 5.48 4.71
N THR A 475 19.98 6.67 4.99
CA THR A 475 20.41 7.88 4.31
C THR A 475 21.36 8.67 5.20
N LYS A 476 22.11 9.58 4.59
CA LYS A 476 23.01 10.44 5.34
C LYS A 476 22.28 11.49 6.15
N THR A 477 20.99 11.72 5.89
CA THR A 477 20.17 12.59 6.73
C THR A 477 19.62 11.87 7.95
N GLY A 478 19.94 10.60 8.14
CA GLY A 478 19.50 9.85 9.30
C GLY A 478 18.29 8.98 9.09
N LYS A 479 17.70 8.99 7.90
CA LYS A 479 16.51 8.20 7.63
C LYS A 479 16.90 6.73 7.48
N LEU A 480 16.26 5.88 8.28
CA LEU A 480 16.35 4.44 8.12
C LEU A 480 15.03 3.92 7.60
N PHE A 481 15.07 2.96 6.69
CA PHE A 481 13.84 2.42 6.13
C PHE A 481 14.09 1.02 5.60
N HIS A 482 12.99 0.29 5.37
CA HIS A 482 13.03 -1.09 4.91
C HIS A 482 12.69 -1.17 3.43
N ILE A 483 13.21 -2.22 2.79
CA ILE A 483 12.93 -2.51 1.39
C ILE A 483 12.70 -4.01 1.23
N ASP A 484 12.29 -4.40 0.02
CA ASP A 484 12.18 -5.80 -0.38
C ASP A 484 11.30 -6.60 0.57
N PHE A 485 9.98 -6.51 0.39
CA PHE A 485 9.02 -7.12 1.31
C PHE A 485 8.48 -8.43 0.73
N GLY A 486 9.40 -9.35 0.46
CA GLY A 486 9.04 -10.67 0.00
C GLY A 486 8.43 -11.57 1.05
N TYR A 487 8.56 -11.20 2.33
CA TYR A 487 8.03 -11.99 3.43
C TYR A 487 7.20 -11.07 4.32
N ILE A 488 5.89 -11.26 4.31
CA ILE A 488 4.98 -10.43 5.10
C ILE A 488 3.97 -11.31 5.79
N LEU A 489 3.21 -10.69 6.69
CA LEU A 489 2.09 -11.35 7.38
C LEU A 489 2.57 -12.57 8.16
N GLY A 490 3.76 -12.48 8.73
CA GLY A 490 4.27 -13.49 9.63
C GLY A 490 5.12 -14.56 9.00
N ARG A 491 5.24 -14.57 7.67
CA ARG A 491 6.11 -15.56 7.04
C ARG A 491 7.57 -15.12 7.12
N ASP A 492 8.46 -16.09 7.25
CA ASP A 492 9.88 -15.78 7.39
C ASP A 492 10.69 -16.99 7.02
N PRO A 493 11.86 -16.77 6.41
CA PRO A 493 12.60 -17.94 5.98
C PRO A 493 12.94 -18.84 7.15
N LYS A 494 13.00 -18.27 8.33
CA LYS A 494 13.39 -19.04 9.50
C LYS A 494 12.26 -19.19 10.50
N PRO A 495 12.32 -20.25 11.30
CA PRO A 495 11.28 -20.49 12.30
C PRO A 495 11.54 -19.68 13.54
N LEU A 496 10.51 -19.51 14.35
CA LEU A 496 10.66 -18.72 15.56
C LEU A 496 11.28 -17.38 15.26
N PRO A 497 10.62 -16.60 14.39
CA PRO A 497 11.16 -15.27 14.16
C PRO A 497 10.81 -14.34 15.29
N PRO A 498 11.71 -13.41 15.58
CA PRO A 498 11.40 -12.43 16.61
C PRO A 498 10.19 -11.63 16.22
N PRO A 499 9.33 -11.33 17.18
CA PRO A 499 8.09 -10.63 16.88
C PRO A 499 8.38 -9.22 16.42
N MET A 500 9.29 -8.55 17.12
CA MET A 500 9.69 -7.22 16.69
C MET A 500 11.07 -7.29 16.06
N LYS A 501 11.30 -6.49 15.03
CA LYS A 501 12.58 -6.60 14.27
C LYS A 501 13.56 -5.50 14.64
N LEU A 502 14.29 -5.64 15.74
CA LEU A 502 15.11 -4.55 16.26
C LEU A 502 16.50 -5.14 16.54
N ASN A 503 17.40 -4.95 15.59
CA ASN A 503 18.73 -5.62 15.65
C ASN A 503 19.70 -4.79 16.49
N LYS A 504 20.84 -5.37 16.82
CA LYS A 504 21.80 -4.66 17.67
C LYS A 504 22.35 -3.43 16.95
N GLU A 505 22.56 -3.52 15.64
CA GLU A 505 23.09 -2.39 14.89
C GLU A 505 22.17 -1.17 15.02
N MET A 506 20.85 -1.39 15.03
CA MET A 506 19.93 -0.28 15.22
C MET A 506 20.09 0.34 16.60
N VAL A 507 20.08 -0.48 17.65
CA VAL A 507 20.21 0.03 19.01
C VAL A 507 21.54 0.73 19.19
N GLU A 508 22.62 0.15 18.66
CA GLU A 508 23.91 0.82 18.73
C GLU A 508 23.89 2.14 17.98
N GLY A 509 23.16 2.19 16.87
CA GLY A 509 23.09 3.42 16.08
C GLY A 509 22.59 4.61 16.88
N MET A 510 21.69 4.38 17.83
CA MET A 510 21.11 5.45 18.63
C MET A 510 21.78 5.60 20.00
N GLY A 511 22.91 4.92 20.23
CA GLY A 511 23.67 5.10 21.44
C GLY A 511 23.54 4.02 22.49
N GLY A 512 22.91 2.90 22.18
CA GLY A 512 22.75 1.82 23.13
C GLY A 512 21.54 1.99 24.02
N THR A 513 21.22 0.92 24.74
CA THR A 513 20.03 0.93 25.60
C THR A 513 20.13 1.93 26.73
N GLN A 514 21.34 2.35 27.10
CA GLN A 514 21.51 3.34 28.15
C GLN A 514 21.29 4.76 27.65
N SER A 515 21.22 4.95 26.33
CA SER A 515 21.04 6.28 25.76
C SER A 515 19.64 6.80 25.91
N GLU A 516 19.49 8.11 26.01
CA GLU A 516 18.16 8.70 26.09
C GLU A 516 17.44 8.44 24.79
N GLN A 517 18.16 8.49 23.69
CA GLN A 517 17.56 8.23 22.39
C GLN A 517 16.74 6.97 22.47
N TYR A 518 17.35 5.89 22.98
CA TYR A 518 16.63 4.64 23.11
C TYR A 518 15.29 4.91 23.76
N GLN A 519 15.30 5.55 24.92
CA GLN A 519 14.06 5.87 25.61
C GLN A 519 13.11 6.65 24.69
N GLU A 520 13.62 7.68 24.03
CA GLU A 520 12.81 8.40 23.07
C GLU A 520 12.30 7.48 21.98
N PHE A 521 13.15 6.57 21.50
CA PHE A 521 12.73 5.62 20.48
C PHE A 521 11.52 4.82 20.94
N ARG A 522 11.57 4.29 22.16
CA ARG A 522 10.42 3.57 22.70
C ARG A 522 9.21 4.48 22.83
N LYS A 523 9.43 5.72 23.29
CA LYS A 523 8.32 6.67 23.39
C LYS A 523 7.65 6.85 22.04
N GLN A 524 8.45 7.06 20.98
CA GLN A 524 7.87 7.18 19.65
C GLN A 524 7.15 5.90 19.25
N CYS A 525 7.72 4.74 19.57
CA CYS A 525 7.06 3.48 19.28
C CYS A 525 5.68 3.42 19.93
N TYR A 526 5.60 3.78 21.21
CA TYR A 526 4.30 3.81 21.89
C TYR A 526 3.33 4.72 21.16
N THR A 527 3.72 5.97 20.96
CA THR A 527 2.84 6.94 20.28
C THR A 527 2.33 6.38 18.96
N ALA A 528 3.24 5.91 18.10
CA ALA A 528 2.84 5.40 16.80
C ALA A 528 1.90 4.22 16.94
N PHE A 529 2.19 3.30 17.87
CA PHE A 529 1.35 2.12 18.04
C PHE A 529 -0.05 2.52 18.46
N LEU A 530 -0.18 3.49 19.37
CA LEU A 530 -1.50 3.95 19.77
C LEU A 530 -2.22 4.66 18.63
N HIS A 531 -1.50 5.50 17.88
CA HIS A 531 -2.12 6.21 16.76
C HIS A 531 -2.67 5.24 15.73
N LEU A 532 -1.85 4.28 15.29
CA LEU A 532 -2.28 3.35 14.26
C LEU A 532 -3.43 2.47 14.75
N ARG A 533 -3.42 2.11 16.04
CA ARG A 533 -4.53 1.35 16.59
C ARG A 533 -5.85 2.08 16.39
N ARG A 534 -5.84 3.41 16.52
CA ARG A 534 -7.07 4.17 16.31
C ARG A 534 -7.64 3.96 14.91
N TYR A 535 -6.78 3.64 13.95
CA TYR A 535 -7.19 3.44 12.57
C TYR A 535 -7.26 1.96 12.19
N SER A 536 -7.34 1.07 13.17
CA SER A 536 -7.37 -0.36 12.87
C SER A 536 -8.56 -0.71 11.97
N ASN A 537 -9.68 -0.01 12.13
CA ASN A 537 -10.83 -0.23 11.27
C ASN A 537 -10.48 -0.01 9.81
N LEU A 538 -9.91 1.16 9.51
CA LEU A 538 -9.52 1.46 8.13
C LEU A 538 -8.51 0.45 7.61
N ILE A 539 -7.42 0.22 8.37
CA ILE A 539 -6.37 -0.66 7.89
C ILE A 539 -6.90 -2.08 7.69
N LEU A 540 -7.68 -2.57 8.66
CA LEU A 540 -8.22 -3.93 8.53
C LEU A 540 -9.24 -4.01 7.40
N ASN A 541 -10.02 -2.95 7.19
CA ASN A 541 -10.95 -2.94 6.06
C ASN A 541 -10.19 -3.04 4.74
N LEU A 542 -9.10 -2.29 4.61
CA LEU A 542 -8.32 -2.34 3.38
C LEU A 542 -7.75 -3.74 3.16
N PHE A 543 -7.21 -4.36 4.21
CA PHE A 543 -6.70 -5.71 4.06
C PHE A 543 -7.82 -6.69 3.75
N SER A 544 -9.01 -6.46 4.29
CA SER A 544 -10.14 -7.33 3.98
C SER A 544 -10.48 -7.31 2.48
N LEU A 545 -10.23 -6.18 1.82
CA LEU A 545 -10.47 -6.11 0.38
C LEU A 545 -9.36 -6.78 -0.42
N MET A 546 -8.29 -7.22 0.23
CA MET A 546 -7.16 -7.84 -0.44
C MET A 546 -7.15 -9.35 -0.32
N VAL A 547 -8.10 -9.94 0.42
CA VAL A 547 -7.97 -11.36 0.78
C VAL A 547 -7.96 -12.27 -0.43
N ASP A 548 -8.53 -11.83 -1.55
CA ASP A 548 -8.58 -12.64 -2.75
C ASP A 548 -7.58 -12.19 -3.81
N ALA A 549 -6.72 -11.23 -3.49
CA ALA A 549 -5.76 -10.72 -4.45
C ALA A 549 -4.65 -11.73 -4.71
N ASN A 550 -4.05 -11.63 -5.89
CA ASN A 550 -2.93 -12.48 -6.28
C ASN A 550 -1.65 -11.91 -5.66
N ILE A 551 -1.55 -12.05 -4.34
CA ILE A 551 -0.41 -11.62 -3.55
C ILE A 551 0.11 -12.86 -2.83
N PRO A 552 1.39 -13.22 -2.99
CA PRO A 552 1.85 -14.52 -2.48
C PRO A 552 1.53 -14.79 -1.03
N ASP A 553 1.93 -13.88 -0.12
CA ASP A 553 1.79 -14.12 1.31
C ASP A 553 0.36 -13.98 1.81
N ILE A 554 -0.54 -13.40 1.01
CA ILE A 554 -1.96 -13.42 1.32
C ILE A 554 -2.61 -14.71 0.81
N ALA A 555 -2.21 -15.15 -0.38
CA ALA A 555 -2.82 -16.34 -1.00
C ALA A 555 -2.55 -17.58 -0.14
N LEU A 556 -1.50 -17.53 0.69
N LEU A 556 -1.48 -17.54 0.66
CA LEU A 556 -1.09 -18.71 1.44
CA LEU A 556 -1.08 -18.71 1.43
C LEU A 556 -2.08 -19.02 2.54
C LEU A 556 -2.11 -19.01 2.51
N GLU A 557 -2.54 -17.99 3.25
CA GLU A 557 -3.65 -18.14 4.23
C GLU A 557 -4.64 -16.98 4.08
N PRO A 558 -5.45 -16.94 3.01
CA PRO A 558 -6.41 -15.86 2.80
C PRO A 558 -7.36 -15.70 3.97
N ASP A 559 -7.86 -16.80 4.51
CA ASP A 559 -8.81 -16.75 5.62
C ASP A 559 -8.19 -16.20 6.89
N LYS A 560 -6.87 -16.32 7.02
CA LYS A 560 -6.21 -15.85 8.24
C LYS A 560 -5.52 -14.51 8.06
N THR A 561 -5.59 -13.92 6.86
CA THR A 561 -4.82 -12.71 6.58
C THR A 561 -5.22 -11.56 7.50
N VAL A 562 -6.51 -11.19 7.48
CA VAL A 562 -6.95 -10.06 8.30
C VAL A 562 -6.70 -10.33 9.77
N LYS A 563 -6.98 -11.55 10.23
CA LYS A 563 -6.73 -11.89 11.63
C LYS A 563 -5.29 -11.62 12.03
N LYS A 564 -4.35 -12.00 11.18
CA LYS A 564 -2.94 -11.80 11.51
C LYS A 564 -2.62 -10.33 11.74
N VAL A 565 -3.19 -9.45 10.92
CA VAL A 565 -2.99 -8.02 11.14
C VAL A 565 -3.77 -7.56 12.35
N GLN A 566 -5.01 -8.02 12.49
CA GLN A 566 -5.85 -7.60 13.61
C GLN A 566 -5.19 -7.91 14.95
N ASP A 567 -4.61 -9.11 15.09
CA ASP A 567 -3.99 -9.49 16.35
C ASP A 567 -2.86 -8.54 16.73
N LYS A 568 -2.12 -8.03 15.75
CA LYS A 568 -1.01 -7.13 16.03
C LYS A 568 -1.46 -5.87 16.75
N PHE A 569 -2.67 -5.40 16.47
CA PHE A 569 -3.16 -4.19 17.13
C PHE A 569 -3.46 -4.41 18.61
N ARG A 570 -3.67 -5.66 19.02
CA ARG A 570 -4.00 -5.97 20.41
C ARG A 570 -5.16 -5.10 20.90
N LEU A 571 -6.20 -5.01 20.06
CA LEU A 571 -7.37 -4.21 20.42
C LEU A 571 -8.07 -4.71 21.67
N ASP A 572 -7.69 -5.88 22.19
CA ASP A 572 -8.23 -6.35 23.45
C ASP A 572 -7.66 -5.60 24.65
N LEU A 573 -6.56 -4.88 24.46
CA LEU A 573 -5.90 -4.13 25.52
C LEU A 573 -6.26 -2.66 25.45
N SER A 574 -6.39 -2.03 26.62
CA SER A 574 -6.57 -0.59 26.67
C SER A 574 -5.30 0.11 26.21
N ASP A 575 -5.42 1.42 26.00
CA ASP A 575 -4.25 2.20 25.59
C ASP A 575 -3.12 2.06 26.60
N GLU A 576 -3.44 2.19 27.89
CA GLU A 576 -2.43 2.01 28.92
C GLU A 576 -1.80 0.62 28.84
N GLU A 577 -2.63 -0.42 28.75
CA GLU A 577 -2.10 -1.77 28.64
C GLU A 577 -1.30 -1.95 27.34
N ALA A 578 -1.75 -1.33 26.25
CA ALA A 578 -1.05 -1.47 24.99
C ALA A 578 0.36 -0.90 25.08
N VAL A 579 0.53 0.23 25.77
CA VAL A 579 1.87 0.78 25.96
C VAL A 579 2.74 -0.20 26.73
N HIS A 580 2.20 -0.79 27.79
CA HIS A 580 2.95 -1.81 28.52
C HIS A 580 3.31 -2.98 27.60
N TYR A 581 2.36 -3.42 26.78
CA TYR A 581 2.62 -4.52 25.85
C TYR A 581 3.75 -4.17 24.89
N MET A 582 3.69 -2.97 24.33
CA MET A 582 4.74 -2.55 23.40
C MET A 582 6.09 -2.53 24.11
N GLN A 583 6.13 -1.98 25.31
CA GLN A 583 7.39 -1.91 26.05
C GLN A 583 7.96 -3.30 26.21
N SER A 584 7.13 -4.24 26.63
CA SER A 584 7.59 -5.60 26.78
C SER A 584 8.17 -6.07 25.46
N LEU A 585 7.41 -5.92 24.40
CA LEU A 585 7.86 -6.38 23.09
C LEU A 585 9.22 -5.79 22.74
N ILE A 586 9.41 -4.49 23.00
CA ILE A 586 10.70 -3.86 22.71
C ILE A 586 11.77 -4.42 23.63
N ASP A 587 11.49 -4.47 24.93
CA ASP A 587 12.51 -4.89 25.90
C ASP A 587 12.95 -6.32 25.64
N GLU A 588 11.99 -7.22 25.41
CA GLU A 588 12.36 -8.61 25.16
C GLU A 588 13.09 -8.77 23.84
N SER A 589 12.77 -7.97 22.83
CA SER A 589 13.53 -8.00 21.59
C SER A 589 14.95 -7.52 21.82
N VAL A 590 15.12 -6.47 22.61
CA VAL A 590 16.46 -5.99 22.94
C VAL A 590 17.19 -7.01 23.79
N HIS A 591 16.48 -7.65 24.73
CA HIS A 591 17.10 -8.68 25.56
C HIS A 591 17.63 -9.82 24.70
N ALA A 592 16.85 -10.24 23.72
CA ALA A 592 17.29 -11.32 22.83
C ALA A 592 18.64 -10.95 22.24
N LEU A 593 18.79 -9.68 21.86
CA LEU A 593 20.06 -9.25 21.21
C LEU A 593 21.19 -9.39 22.23
N PHE A 594 20.91 -9.05 23.49
CA PHE A 594 21.94 -9.12 24.57
#